data_9V4A
#
_entry.id   9V4A
#
_cell.length_a   36.266
_cell.length_b   50.505
_cell.length_c   60.484
_cell.angle_alpha   90
_cell.angle_beta   98.534
_cell.angle_gamma   90
#
_symmetry.space_group_name_H-M   'P 1 21 1'
#
loop_
_entity.id
_entity.type
_entity.pdbx_description
1 polymer 'Beta-lactamase SME-1'
2 non-polymer 1,2-ETHANEDIOL
3 non-polymer '(1aR,7bS)-5-fluoro-2-hydroxy-1,1a,2,7b-tetrahydrocyclopropa[c][1,2]benzoxaborinine-4-carboxylic acid'
4 non-polymer 'CHLORIDE ION'
5 water water
#
_entity_poly.entity_id   1
_entity_poly.type   'polypeptide(L)'
_entity_poly.pdbx_seq_one_letter_code
;MGNKSDAAAKQIKKLEEDFDGRIGVFAIDTGSGNTFGYRSDERFPLCSSFKGFLAAAVLERVQQKKLDINQKVKYESRDL
EYHSPITTKYKGSGMTLGDMASAALQYSDNGATNIIMERFLGGPEGMTKFMRSIGDNEFRLDRWELELNTAIPGDKRDTS
TPKAVANSLNKLALGNVLNAKVKAIYQNWLKGNTTGDARIRASVPADWVVGDKTGSCGAYGTANDYAVIWPKNRAPLIVS
IYTTRKSKDDKHSDKTIAEASRIAIQAIDHHHHHH
;
_entity_poly.pdbx_strand_id   A
#
# COMPACT_ATOMS: atom_id res chain seq x y z
N ASN A 3 13.56 12.75 -22.47
CA ASN A 3 14.74 13.54 -21.98
C ASN A 3 14.63 13.66 -20.47
N LYS A 4 13.47 14.15 -20.00
CA LYS A 4 13.15 14.33 -18.60
C LYS A 4 12.78 12.99 -17.96
N SER A 5 12.85 11.92 -18.78
CA SER A 5 12.40 10.58 -18.42
C SER A 5 13.53 9.56 -18.61
N ASP A 6 14.36 9.78 -19.63
CA ASP A 6 15.53 8.96 -19.92
C ASP A 6 16.58 9.20 -18.84
N ALA A 7 16.57 10.43 -18.28
CA ALA A 7 17.48 10.84 -17.21
C ALA A 7 16.99 10.32 -15.86
N ALA A 8 15.66 10.31 -15.67
CA ALA A 8 14.98 9.84 -14.47
C ALA A 8 15.32 8.37 -14.25
N ALA A 9 15.22 7.59 -15.33
CA ALA A 9 15.60 6.18 -15.35
C ALA A 9 17.08 5.99 -15.00
N LYS A 10 17.98 6.79 -15.56
CA LYS A 10 19.39 6.70 -15.21
C LYS A 10 19.57 6.84 -13.70
N GLN A 11 18.98 7.90 -13.12
CA GLN A 11 19.01 8.15 -11.69
C GLN A 11 18.55 6.93 -10.86
N ILE A 12 17.49 6.26 -11.28
CA ILE A 12 16.95 5.11 -10.56
C ILE A 12 17.88 3.89 -10.65
N LYS A 13 18.48 3.65 -11.83
CA LYS A 13 19.37 2.51 -12.02
C LYS A 13 20.60 2.69 -11.11
N LYS A 14 21.14 3.90 -11.09
CA LYS A 14 22.26 4.25 -10.25
C LYS A 14 21.90 4.05 -8.78
N LEU A 15 20.67 4.41 -8.40
CA LEU A 15 20.19 4.27 -7.04
C LEU A 15 20.04 2.80 -6.65
N GLU A 16 19.64 1.93 -7.60
CA GLU A 16 19.46 0.54 -7.23
C GLU A 16 20.82 -0.14 -7.12
N GLU A 17 21.77 0.29 -7.96
CA GLU A 17 23.12 -0.23 -7.90
C GLU A 17 23.76 0.17 -6.58
N ASP A 18 23.57 1.43 -6.19
CA ASP A 18 24.09 2.01 -4.95
C ASP A 18 23.70 1.13 -3.74
N PHE A 19 22.48 0.61 -3.71
CA PHE A 19 22.07 -0.11 -2.51
C PHE A 19 22.01 -1.62 -2.76
N ASP A 20 22.52 -2.08 -3.91
CA ASP A 20 22.72 -3.49 -4.18
C ASP A 20 21.38 -4.20 -4.25
N GLY A 21 20.43 -3.57 -4.94
CA GLY A 21 19.06 -4.00 -4.75
C GLY A 21 18.27 -3.79 -6.03
N ARG A 22 16.96 -3.61 -5.89
CA ARG A 22 16.16 -3.53 -7.10
C ARG A 22 14.91 -2.71 -6.81
N ILE A 23 14.70 -1.68 -7.66
CA ILE A 23 13.71 -0.63 -7.47
C ILE A 23 12.70 -0.64 -8.63
N GLY A 24 11.44 -0.58 -8.24
CA GLY A 24 10.32 -0.51 -9.14
C GLY A 24 9.50 0.73 -8.82
N VAL A 25 9.19 1.51 -9.88
CA VAL A 25 8.51 2.79 -9.74
C VAL A 25 7.35 2.92 -10.73
N PHE A 26 6.29 3.55 -10.27
CA PHE A 26 5.23 4.04 -11.15
C PHE A 26 4.60 5.29 -10.52
N ALA A 27 4.58 6.39 -11.28
CA ALA A 27 4.09 7.68 -10.84
C ALA A 27 3.13 8.23 -11.88
N ILE A 28 1.97 8.73 -11.43
CA ILE A 28 0.97 9.33 -12.30
C ILE A 28 0.72 10.78 -11.90
N ASP A 29 0.75 11.71 -12.86
CA ASP A 29 0.11 13.00 -12.67
C ASP A 29 -1.29 12.92 -13.24
N THR A 30 -2.30 13.01 -12.37
CA THR A 30 -3.68 12.80 -12.80
C THR A 30 -4.22 14.01 -13.56
N GLY A 31 -3.51 15.15 -13.50
CA GLY A 31 -3.91 16.34 -14.24
C GLY A 31 -3.47 16.23 -15.69
N SER A 32 -2.15 16.09 -15.86
CA SER A 32 -1.46 16.05 -17.15
C SER A 32 -1.55 14.69 -17.83
N GLY A 33 -2.05 13.68 -17.12
CA GLY A 33 -1.98 12.30 -17.56
C GLY A 33 -0.54 11.79 -17.72
N ASN A 34 0.48 12.57 -17.31
CA ASN A 34 1.86 12.11 -17.44
C ASN A 34 2.16 10.91 -16.53
N THR A 35 3.08 10.05 -16.98
CA THR A 35 3.44 8.84 -16.27
C THR A 35 4.95 8.62 -16.30
N PHE A 36 5.44 7.86 -15.33
CA PHE A 36 6.86 7.52 -15.29
C PHE A 36 7.01 6.13 -14.67
N GLY A 37 7.96 5.36 -15.21
CA GLY A 37 7.97 3.93 -14.96
C GLY A 37 9.38 3.39 -15.03
N TYR A 38 9.75 2.60 -14.01
CA TYR A 38 10.98 1.84 -14.05
C TYR A 38 10.72 0.52 -13.33
N ARG A 39 10.98 -0.57 -14.04
CA ARG A 39 10.62 -1.92 -13.65
C ARG A 39 9.15 -1.99 -13.22
N SER A 40 8.28 -1.23 -13.89
CA SER A 40 6.90 -1.05 -13.43
C SER A 40 6.03 -2.26 -13.75
N ASP A 41 6.50 -3.16 -14.62
CA ASP A 41 5.78 -4.40 -14.84
C ASP A 41 6.53 -5.58 -14.22
N GLU A 42 7.69 -5.33 -13.58
CA GLU A 42 8.34 -6.37 -12.81
C GLU A 42 7.59 -6.57 -11.49
N ARG A 43 7.69 -7.79 -10.95
CA ARG A 43 7.01 -8.23 -9.75
C ARG A 43 7.82 -7.87 -8.51
N PHE A 44 7.09 -7.49 -7.45
CA PHE A 44 7.68 -7.16 -6.17
C PHE A 44 6.71 -7.64 -5.09
N PRO A 45 7.23 -8.12 -3.94
CA PRO A 45 6.37 -8.56 -2.82
C PRO A 45 5.55 -7.37 -2.30
N LEU A 46 4.30 -7.62 -1.91
CA LEU A 46 3.42 -6.61 -1.35
C LEU A 46 3.87 -6.20 0.05
N CYS A 47 4.29 -7.18 0.86
CA CYS A 47 4.36 -7.00 2.31
C CYS A 47 3.05 -6.37 2.79
N SER A 48 3.12 -5.37 3.68
CA SER A 48 1.91 -4.95 4.38
C SER A 48 1.08 -4.03 3.50
N SER A 49 1.59 -3.71 2.31
CA SER A 49 1.07 -2.58 1.56
C SER A 49 -0.35 -2.86 1.05
N PHE A 50 -0.75 -4.13 0.93
CA PHE A 50 -2.07 -4.59 0.53
C PHE A 50 -3.11 -4.26 1.60
N LYS A 51 -2.65 -3.93 2.82
CA LYS A 51 -3.64 -3.60 3.85
C LYS A 51 -4.35 -2.30 3.49
N GLY A 52 -3.70 -1.52 2.61
CA GLY A 52 -4.35 -0.34 2.08
C GLY A 52 -5.53 -0.73 1.21
N PHE A 53 -5.40 -1.83 0.46
CA PHE A 53 -6.43 -2.24 -0.48
C PHE A 53 -7.50 -3.06 0.25
N LEU A 54 -7.09 -3.73 1.33
CA LEU A 54 -8.05 -4.40 2.16
C LEU A 54 -9.04 -3.41 2.79
N ALA A 55 -8.58 -2.22 3.14
CA ALA A 55 -9.46 -1.27 3.82
C ALA A 55 -10.54 -0.78 2.86
N ALA A 56 -10.10 -0.53 1.62
CA ALA A 56 -10.94 -0.24 0.46
C ALA A 56 -11.98 -1.35 0.23
N ALA A 57 -11.58 -2.63 0.35
CA ALA A 57 -12.48 -3.75 0.11
C ALA A 57 -13.56 -3.73 1.17
N VAL A 58 -13.16 -3.36 2.38
CA VAL A 58 -14.13 -3.36 3.47
C VAL A 58 -15.17 -2.28 3.18
N LEU A 59 -14.72 -1.18 2.56
CA LEU A 59 -15.56 0.01 2.41
C LEU A 59 -16.58 -0.22 1.31
N GLU A 60 -16.20 -1.05 0.34
CA GLU A 60 -17.02 -1.38 -0.80
C GLU A 60 -18.18 -2.26 -0.33
N ARG A 61 -17.82 -3.27 0.46
CA ARG A 61 -18.82 -4.09 1.12
C ARG A 61 -19.74 -3.15 1.88
N VAL A 62 -19.16 -2.40 2.85
CA VAL A 62 -19.92 -1.44 3.64
C VAL A 62 -20.96 -0.69 2.81
N GLN A 63 -20.54 -0.21 1.62
CA GLN A 63 -21.31 0.62 0.72
C GLN A 63 -22.49 -0.13 0.08
N GLN A 64 -22.35 -1.45 -0.05
CA GLN A 64 -23.37 -2.30 -0.63
C GLN A 64 -24.30 -2.81 0.47
N LYS A 65 -24.06 -2.29 1.68
CA LYS A 65 -24.95 -2.52 2.80
C LYS A 65 -24.95 -4.03 3.10
N LYS A 66 -23.75 -4.59 2.99
CA LYS A 66 -23.49 -5.96 3.34
C LYS A 66 -22.77 -5.99 4.68
N LEU A 67 -22.13 -4.87 5.05
CA LEU A 67 -21.53 -4.67 6.36
C LEU A 67 -21.84 -3.28 6.90
N ASP A 68 -21.94 -3.15 8.21
CA ASP A 68 -22.13 -1.85 8.85
C ASP A 68 -20.75 -1.40 9.32
N ILE A 69 -20.44 -0.11 9.11
CA ILE A 69 -19.09 0.37 9.40
C ILE A 69 -18.93 0.41 10.91
N ASN A 70 -20.07 0.37 11.62
CA ASN A 70 -20.15 0.58 13.06
C ASN A 70 -20.37 -0.75 13.78
N GLN A 71 -20.36 -1.83 13.01
CA GLN A 71 -20.63 -3.14 13.57
C GLN A 71 -19.49 -3.57 14.48
N LYS A 72 -19.82 -4.11 15.66
CA LYS A 72 -18.83 -4.61 16.60
C LYS A 72 -18.22 -5.91 16.08
N VAL A 73 -16.89 -5.98 16.15
CA VAL A 73 -16.13 -7.18 15.84
C VAL A 73 -15.41 -7.65 17.11
N LYS A 74 -15.83 -8.81 17.63
CA LYS A 74 -15.33 -9.41 18.87
C LYS A 74 -14.28 -10.48 18.56
N TYR A 75 -13.34 -10.66 19.52
CA TYR A 75 -12.12 -11.42 19.32
C TYR A 75 -11.39 -11.60 20.67
N GLU A 76 -12.13 -11.58 21.78
CA GLU A 76 -11.57 -11.56 23.13
C GLU A 76 -10.70 -12.78 23.43
N SER A 77 -10.88 -13.89 22.69
CA SER A 77 -10.16 -15.13 22.94
C SER A 77 -9.08 -15.42 21.90
N ARG A 78 -8.77 -14.46 21.01
CA ARG A 78 -7.80 -14.67 19.97
C ARG A 78 -6.36 -14.53 20.48
N ASP A 79 -5.47 -15.38 19.97
CA ASP A 79 -4.03 -15.20 20.05
C ASP A 79 -3.56 -14.20 18.99
N LEU A 80 -3.53 -12.92 19.37
CA LEU A 80 -3.26 -11.84 18.43
C LEU A 80 -1.86 -11.99 17.83
N GLU A 81 -1.78 -11.99 16.50
CA GLU A 81 -0.53 -12.06 15.77
C GLU A 81 0.41 -10.94 16.25
N TYR A 82 1.70 -11.16 16.02
CA TYR A 82 2.72 -10.15 16.20
C TYR A 82 2.37 -8.89 15.41
N HIS A 83 2.72 -7.72 15.97
CA HIS A 83 2.46 -6.41 15.42
C HIS A 83 0.95 -6.20 15.25
N SER A 84 0.24 -6.28 16.37
CA SER A 84 -1.16 -5.87 16.43
C SER A 84 -1.29 -4.73 17.45
N PRO A 85 -0.62 -3.56 17.27
CA PRO A 85 -0.58 -2.56 18.33
C PRO A 85 -1.95 -2.03 18.75
N ILE A 86 -2.91 -2.00 17.82
CA ILE A 86 -4.22 -1.41 18.08
C ILE A 86 -5.22 -2.47 18.54
N THR A 87 -5.23 -3.62 17.86
CA THR A 87 -6.19 -4.63 18.26
C THR A 87 -5.91 -5.05 19.70
N THR A 88 -4.64 -5.15 20.07
CA THR A 88 -4.22 -5.52 21.42
C THR A 88 -4.88 -4.66 22.49
N LYS A 89 -5.02 -3.36 22.25
CA LYS A 89 -5.60 -2.46 23.24
C LYS A 89 -7.12 -2.63 23.37
N TYR A 90 -7.85 -2.98 22.29
CA TYR A 90 -9.30 -3.03 22.43
C TYR A 90 -9.82 -4.45 22.75
N LYS A 91 -8.92 -5.45 22.80
CA LYS A 91 -9.28 -6.87 22.83
C LYS A 91 -10.46 -7.19 23.75
N GLY A 92 -10.51 -6.58 24.93
CA GLY A 92 -11.57 -6.88 25.88
C GLY A 92 -12.95 -6.42 25.41
N SER A 93 -13.03 -5.59 24.36
CA SER A 93 -14.32 -4.96 24.07
C SER A 93 -14.68 -4.95 22.59
N GLY A 94 -13.83 -5.52 21.73
CA GLY A 94 -14.15 -5.44 20.31
C GLY A 94 -13.93 -4.03 19.76
N MET A 95 -13.86 -3.95 18.43
CA MET A 95 -13.72 -2.67 17.74
C MET A 95 -14.78 -2.67 16.66
N THR A 96 -15.17 -1.47 16.22
CA THR A 96 -16.04 -1.40 15.06
C THR A 96 -15.29 -1.93 13.82
N LEU A 97 -16.05 -2.18 12.75
CA LEU A 97 -15.45 -2.68 11.53
C LEU A 97 -14.53 -1.58 11.01
N GLY A 98 -15.09 -0.36 10.88
CA GLY A 98 -14.39 0.85 10.50
C GLY A 98 -13.07 0.98 11.26
N ASP A 99 -13.11 0.88 12.60
CA ASP A 99 -11.91 1.08 13.39
C ASP A 99 -10.90 -0.01 13.14
N MET A 100 -11.40 -1.19 12.80
CA MET A 100 -10.53 -2.32 12.56
C MET A 100 -9.81 -2.17 11.21
N ALA A 101 -10.54 -1.80 10.16
CA ALA A 101 -9.94 -1.62 8.84
C ALA A 101 -8.91 -0.49 8.87
N SER A 102 -9.28 0.68 9.45
CA SER A 102 -8.37 1.83 9.49
C SER A 102 -7.09 1.51 10.26
N ALA A 103 -7.19 0.67 11.31
CA ALA A 103 -6.03 0.20 12.06
C ALA A 103 -5.20 -0.74 11.17
N ALA A 104 -5.88 -1.47 10.28
CA ALA A 104 -5.13 -2.34 9.40
C ALA A 104 -4.23 -1.45 8.53
N LEU A 105 -4.84 -0.37 8.03
CA LEU A 105 -4.17 0.57 7.16
C LEU A 105 -3.13 1.39 7.94
N GLN A 106 -3.51 1.95 9.08
CA GLN A 106 -2.78 3.10 9.58
C GLN A 106 -1.62 2.70 10.47
N TYR A 107 -1.67 1.46 10.99
CA TYR A 107 -0.68 0.98 11.92
C TYR A 107 -0.25 -0.41 11.49
N SER A 108 -0.75 -0.85 10.33
CA SER A 108 -0.32 -2.11 9.75
C SER A 108 -0.65 -3.31 10.66
N ASP A 109 -1.69 -3.17 11.49
CA ASP A 109 -2.07 -4.12 12.52
C ASP A 109 -2.39 -5.50 11.92
N ASN A 110 -1.62 -6.52 12.34
CA ASN A 110 -1.77 -7.88 11.80
C ASN A 110 -3.08 -8.55 12.22
N GLY A 111 -3.46 -8.39 13.49
CA GLY A 111 -4.70 -8.94 14.01
C GLY A 111 -5.91 -8.46 13.21
N ALA A 112 -6.01 -7.14 13.06
CA ALA A 112 -7.04 -6.49 12.28
C ALA A 112 -7.06 -7.13 10.89
N THR A 113 -5.88 -7.23 10.28
CA THR A 113 -5.76 -7.76 8.93
C THR A 113 -6.38 -9.16 8.86
N ASN A 114 -5.92 -10.04 9.73
CA ASN A 114 -6.26 -11.44 9.60
C ASN A 114 -7.75 -11.65 9.88
N ILE A 115 -8.26 -10.98 10.92
CA ILE A 115 -9.65 -11.11 11.28
C ILE A 115 -10.52 -10.70 10.08
N ILE A 116 -10.15 -9.62 9.41
CA ILE A 116 -11.01 -9.09 8.39
C ILE A 116 -10.98 -10.01 7.18
N MET A 117 -9.79 -10.51 6.87
CA MET A 117 -9.68 -11.47 5.77
C MET A 117 -10.47 -12.75 6.06
N GLU A 118 -10.52 -13.18 7.32
CA GLU A 118 -11.19 -14.45 7.60
C GLU A 118 -12.70 -14.27 7.67
N ARG A 119 -13.12 -13.19 8.31
CA ARG A 119 -14.51 -13.04 8.66
C ARG A 119 -15.34 -12.42 7.54
N PHE A 120 -14.76 -11.52 6.74
CA PHE A 120 -15.60 -10.64 5.93
C PHE A 120 -15.21 -10.57 4.46
N LEU A 121 -14.03 -11.07 4.08
CA LEU A 121 -13.54 -10.78 2.75
C LEU A 121 -13.19 -12.05 1.96
N GLY A 122 -13.25 -13.22 2.59
CA GLY A 122 -12.97 -14.47 1.90
C GLY A 122 -11.47 -14.83 1.81
N GLY A 123 -10.72 -14.57 2.89
CA GLY A 123 -9.28 -14.82 2.90
C GLY A 123 -8.52 -14.17 1.74
N PRO A 124 -7.23 -14.53 1.52
CA PRO A 124 -6.43 -13.97 0.41
C PRO A 124 -7.05 -14.08 -0.98
N GLU A 125 -7.69 -15.22 -1.24
CA GLU A 125 -8.39 -15.43 -2.51
C GLU A 125 -9.44 -14.33 -2.69
N GLY A 126 -10.20 -14.05 -1.63
CA GLY A 126 -11.17 -12.96 -1.67
C GLY A 126 -10.52 -11.60 -1.90
N MET A 127 -9.39 -11.37 -1.21
CA MET A 127 -8.56 -10.20 -1.40
C MET A 127 -8.15 -10.06 -2.88
N THR A 128 -7.74 -11.18 -3.51
CA THR A 128 -7.32 -11.15 -4.91
C THR A 128 -8.56 -10.88 -5.77
N LYS A 129 -9.71 -11.52 -5.46
CA LYS A 129 -10.93 -11.30 -6.22
C LYS A 129 -11.31 -9.82 -6.23
N PHE A 130 -11.23 -9.17 -5.06
CA PHE A 130 -11.58 -7.76 -4.98
C PHE A 130 -10.74 -6.92 -5.94
N MET A 131 -9.43 -7.21 -6.04
CA MET A 131 -8.56 -6.45 -6.91
C MET A 131 -8.89 -6.75 -8.37
N ARG A 132 -9.30 -8.01 -8.68
CA ARG A 132 -9.69 -8.32 -10.05
C ARG A 132 -10.92 -7.49 -10.40
N SER A 133 -11.90 -7.49 -9.50
CA SER A 133 -13.13 -6.75 -9.69
C SER A 133 -12.89 -5.29 -10.06
N ILE A 134 -11.70 -4.75 -9.82
CA ILE A 134 -11.47 -3.38 -10.25
C ILE A 134 -10.53 -3.33 -11.44
N GLY A 135 -10.21 -4.50 -12.01
CA GLY A 135 -9.42 -4.51 -13.24
C GLY A 135 -7.93 -4.59 -12.95
N ASP A 136 -7.57 -4.95 -11.73
CA ASP A 136 -6.16 -5.22 -11.48
C ASP A 136 -5.90 -6.70 -11.75
N ASN A 137 -5.10 -6.97 -12.79
CA ASN A 137 -4.72 -8.33 -13.15
C ASN A 137 -3.38 -8.77 -12.55
N GLU A 138 -2.60 -7.86 -11.97
CA GLU A 138 -1.24 -8.26 -11.60
C GLU A 138 -1.22 -8.76 -10.16
N PHE A 139 -1.99 -8.07 -9.30
CA PHE A 139 -1.96 -8.25 -7.86
C PHE A 139 -2.34 -9.68 -7.52
N ARG A 140 -1.62 -10.28 -6.55
CA ARG A 140 -2.05 -11.55 -5.98
C ARG A 140 -1.69 -11.67 -4.49
N LEU A 141 -2.67 -12.06 -3.69
CA LEU A 141 -2.41 -12.45 -2.32
C LEU A 141 -2.64 -13.96 -2.13
N ASP A 142 -1.60 -14.65 -1.67
CA ASP A 142 -1.62 -16.10 -1.60
C ASP A 142 -1.75 -16.56 -0.15
N ARG A 143 -1.14 -15.82 0.80
CA ARG A 143 -0.93 -16.30 2.16
C ARG A 143 -1.39 -15.26 3.19
N TRP A 144 -1.37 -15.65 4.47
CA TRP A 144 -1.80 -14.82 5.58
C TRP A 144 -0.61 -14.14 6.24
N GLU A 145 -0.95 -13.22 7.16
CA GLU A 145 0.02 -12.69 8.11
C GLU A 145 0.41 -13.81 9.05
N LEU A 146 1.72 -13.99 9.30
CA LEU A 146 2.77 -13.13 8.81
C LEU A 146 3.54 -13.77 7.65
N GLU A 147 3.22 -15.05 7.36
CA GLU A 147 3.89 -15.90 6.38
C GLU A 147 4.06 -15.20 5.03
N LEU A 148 3.22 -14.21 4.71
CA LEU A 148 3.20 -13.58 3.40
C LEU A 148 4.40 -12.64 3.22
N ASN A 149 5.18 -12.45 4.31
CA ASN A 149 6.27 -11.49 4.36
C ASN A 149 7.62 -12.13 4.02
N THR A 150 7.66 -13.43 3.64
CA THR A 150 8.93 -14.10 3.34
C THR A 150 9.74 -13.38 2.24
N ALA A 151 9.09 -12.76 1.24
CA ALA A 151 9.84 -12.01 0.23
C ALA A 151 11.00 -12.78 -0.44
N ILE A 152 10.87 -14.12 -0.54
CA ILE A 152 11.90 -14.98 -1.12
C ILE A 152 12.02 -14.65 -2.61
N PRO A 153 13.23 -14.33 -3.12
CA PRO A 153 13.38 -14.00 -4.54
C PRO A 153 12.85 -15.06 -5.53
N GLY A 154 11.99 -14.63 -6.46
CA GLY A 154 11.45 -15.51 -7.49
C GLY A 154 10.14 -16.19 -7.05
N ASP A 155 9.75 -15.99 -5.79
CA ASP A 155 8.48 -16.44 -5.29
C ASP A 155 7.44 -15.42 -5.73
N LYS A 156 6.45 -15.87 -6.52
CA LYS A 156 5.44 -14.98 -7.08
C LYS A 156 4.26 -14.82 -6.12
N ARG A 157 4.24 -15.60 -5.05
CA ARG A 157 3.17 -15.48 -4.07
C ARG A 157 3.18 -14.08 -3.48
N ASP A 158 1.98 -13.52 -3.30
CA ASP A 158 1.85 -12.26 -2.59
C ASP A 158 2.71 -11.17 -3.21
N THR A 159 2.56 -10.93 -4.52
CA THR A 159 3.30 -9.89 -5.23
C THR A 159 2.32 -9.03 -6.03
N SER A 160 2.85 -7.92 -6.60
CA SER A 160 2.18 -7.17 -7.64
C SER A 160 3.24 -6.49 -8.50
N THR A 161 2.85 -5.52 -9.35
CA THR A 161 3.82 -4.64 -10.02
C THR A 161 3.66 -3.19 -9.53
N PRO A 162 4.75 -2.38 -9.50
CA PRO A 162 4.61 -0.95 -9.21
C PRO A 162 3.49 -0.24 -9.97
N LYS A 163 3.24 -0.64 -11.24
CA LYS A 163 2.24 0.00 -12.10
C LYS A 163 0.81 -0.39 -11.71
N ALA A 164 0.62 -1.71 -11.58
CA ALA A 164 -0.66 -2.27 -11.16
C ALA A 164 -1.07 -1.66 -9.82
N VAL A 165 -0.10 -1.44 -8.91
CA VAL A 165 -0.39 -0.86 -7.61
C VAL A 165 -0.86 0.58 -7.77
N ALA A 166 -0.10 1.41 -8.50
CA ALA A 166 -0.43 2.80 -8.80
C ALA A 166 -1.83 2.91 -9.39
N ASN A 167 -2.06 2.23 -10.52
CA ASN A 167 -3.35 2.26 -11.20
C ASN A 167 -4.44 1.97 -10.19
N SER A 168 -4.26 0.91 -9.42
CA SER A 168 -5.29 0.50 -8.47
C SER A 168 -5.61 1.61 -7.47
N LEU A 169 -4.55 2.24 -6.92
CA LEU A 169 -4.68 3.29 -5.91
C LEU A 169 -5.50 4.45 -6.48
N ASN A 170 -5.09 4.91 -7.68
CA ASN A 170 -5.83 5.81 -8.53
C ASN A 170 -7.32 5.48 -8.54
N LYS A 171 -7.64 4.20 -8.85
CA LYS A 171 -9.03 3.82 -9.02
C LYS A 171 -9.79 4.05 -7.71
N LEU A 172 -9.19 3.66 -6.58
CA LEU A 172 -9.90 3.51 -5.32
C LEU A 172 -9.94 4.86 -4.60
N ALA A 173 -8.87 5.63 -4.76
CA ALA A 173 -8.71 6.85 -3.98
C ALA A 173 -9.30 8.05 -4.74
N LEU A 174 -9.28 7.96 -6.08
CA LEU A 174 -9.58 9.07 -6.99
C LEU A 174 -10.66 8.66 -8.01
N GLY A 175 -10.85 7.36 -8.25
CA GLY A 175 -11.75 6.90 -9.29
C GLY A 175 -13.17 6.76 -8.76
N ASN A 176 -13.94 5.85 -9.38
CA ASN A 176 -15.36 5.73 -9.09
C ASN A 176 -15.72 4.33 -8.56
N VAL A 177 -14.83 3.71 -7.80
CA VAL A 177 -15.13 2.42 -7.21
C VAL A 177 -15.92 2.63 -5.92
N LEU A 178 -15.67 3.77 -5.24
CA LEU A 178 -16.29 4.14 -3.97
C LEU A 178 -17.13 5.40 -4.18
N ASN A 179 -18.30 5.45 -3.51
CA ASN A 179 -19.10 6.66 -3.57
C ASN A 179 -18.46 7.75 -2.72
N ALA A 180 -19.00 8.97 -2.86
CA ALA A 180 -18.35 10.18 -2.35
C ALA A 180 -18.07 10.08 -0.86
N LYS A 181 -19.00 9.43 -0.16
CA LYS A 181 -19.02 9.42 1.29
C LYS A 181 -17.89 8.53 1.78
N VAL A 182 -17.88 7.32 1.24
CA VAL A 182 -16.95 6.28 1.63
C VAL A 182 -15.57 6.57 1.03
N LYS A 183 -15.56 7.24 -0.13
CA LYS A 183 -14.30 7.64 -0.72
C LYS A 183 -13.59 8.59 0.26
N ALA A 184 -14.39 9.44 0.92
CA ALA A 184 -13.85 10.45 1.80
C ALA A 184 -13.24 9.79 3.03
N ILE A 185 -13.95 8.81 3.59
CA ILE A 185 -13.42 8.04 4.71
C ILE A 185 -12.08 7.41 4.30
N TYR A 186 -12.09 6.68 3.16
CA TYR A 186 -10.91 6.03 2.64
C TYR A 186 -9.74 7.02 2.56
N GLN A 187 -9.99 8.21 1.98
CA GLN A 187 -8.98 9.25 1.82
C GLN A 187 -8.43 9.67 3.19
N ASN A 188 -9.35 9.98 4.13
CA ASN A 188 -8.97 10.27 5.51
C ASN A 188 -8.08 9.19 6.12
N TRP A 189 -8.48 7.92 5.97
CA TRP A 189 -7.68 6.80 6.50
C TRP A 189 -6.26 6.82 5.97
N LEU A 190 -6.14 6.87 4.63
CA LEU A 190 -4.88 7.04 3.94
C LEU A 190 -4.12 8.22 4.53
N LYS A 191 -4.73 9.40 4.55
CA LYS A 191 -4.10 10.59 5.12
C LYS A 191 -3.52 10.32 6.52
N GLY A 192 -4.18 9.53 7.36
CA GLY A 192 -3.72 9.41 8.74
C GLY A 192 -2.79 8.21 8.92
N ASN A 193 -2.22 7.68 7.83
CA ASN A 193 -1.25 6.62 7.94
C ASN A 193 -0.05 7.06 8.79
N THR A 194 0.41 6.23 9.73
CA THR A 194 1.41 6.69 10.70
C THR A 194 2.80 6.16 10.42
N THR A 195 2.95 5.28 9.43
CA THR A 195 4.19 4.53 9.31
C THR A 195 5.05 5.02 8.12
N GLY A 196 4.68 6.15 7.50
CA GLY A 196 5.30 6.49 6.21
C GLY A 196 6.05 7.81 6.17
N ASP A 197 6.42 8.36 7.34
CA ASP A 197 7.03 9.69 7.41
C ASP A 197 8.42 9.75 6.77
N ALA A 198 9.15 8.63 6.72
CA ALA A 198 10.47 8.54 6.12
C ALA A 198 10.44 8.11 4.65
N ARG A 199 9.25 7.90 4.07
CA ARG A 199 9.24 7.37 2.71
C ARG A 199 8.76 8.46 1.75
N ILE A 200 7.62 8.22 1.07
CA ILE A 200 7.12 9.12 0.05
C ILE A 200 6.86 10.50 0.63
N ARG A 201 6.38 10.58 1.89
CA ARG A 201 6.08 11.85 2.53
C ARG A 201 7.34 12.71 2.69
N ALA A 202 8.51 12.10 2.91
CA ALA A 202 9.73 12.88 3.08
C ALA A 202 10.20 13.46 1.72
N SER A 203 9.57 13.02 0.63
CA SER A 203 10.01 13.48 -0.66
C SER A 203 9.22 14.72 -1.16
N VAL A 204 8.29 15.27 -0.37
CA VAL A 204 7.43 16.33 -0.88
C VAL A 204 7.37 17.54 0.06
N PRO A 205 7.07 18.77 -0.43
CA PRO A 205 6.82 19.90 0.46
C PRO A 205 5.85 19.56 1.60
N ALA A 206 6.09 20.23 2.74
CA ALA A 206 5.30 20.05 3.94
C ALA A 206 3.84 20.44 3.72
N ASP A 207 3.52 21.18 2.66
CA ASP A 207 2.17 21.70 2.52
C ASP A 207 1.41 20.90 1.47
N TRP A 208 2.01 19.81 1.02
CA TRP A 208 1.19 18.87 0.27
C TRP A 208 0.59 17.86 1.26
N VAL A 209 -0.69 17.53 1.05
CA VAL A 209 -1.36 16.46 1.75
C VAL A 209 -1.02 15.13 1.05
N VAL A 210 -0.76 14.12 1.87
CA VAL A 210 -0.39 12.80 1.41
C VAL A 210 -1.26 11.80 2.16
N GLY A 211 -1.75 10.79 1.42
CA GLY A 211 -2.11 9.54 2.07
C GLY A 211 -1.26 8.41 1.52
N ASP A 212 -0.87 7.44 2.39
CA ASP A 212 -0.01 6.37 1.98
C ASP A 212 -0.27 5.09 2.78
N LYS A 213 0.27 3.98 2.24
CA LYS A 213 0.40 2.69 2.90
C LYS A 213 1.78 2.12 2.63
N THR A 214 2.52 1.76 3.70
CA THR A 214 3.86 1.21 3.57
C THR A 214 3.77 -0.31 3.73
N GLY A 215 4.74 -1.03 3.17
CA GLY A 215 5.02 -2.39 3.60
C GLY A 215 6.51 -2.50 3.93
N SER A 216 6.82 -3.35 4.92
CA SER A 216 8.18 -3.77 5.27
C SER A 216 8.18 -5.26 5.60
N CYS A 217 8.68 -6.08 4.66
CA CYS A 217 8.65 -7.52 4.76
C CYS A 217 9.59 -7.98 5.86
N GLY A 218 10.67 -7.21 6.10
CA GLY A 218 11.65 -7.55 7.13
C GLY A 218 12.53 -8.72 6.69
N ALA A 219 12.95 -8.70 5.42
CA ALA A 219 13.60 -9.83 4.81
C ALA A 219 13.86 -9.49 3.35
N TYR A 220 15.03 -9.90 2.85
CA TYR A 220 15.53 -9.49 1.56
C TYR A 220 15.36 -7.99 1.33
N GLY A 221 15.57 -7.19 2.39
CA GLY A 221 15.52 -5.74 2.31
C GLY A 221 14.28 -5.21 1.58
N THR A 222 13.17 -5.97 1.62
CA THR A 222 11.98 -5.67 0.82
C THR A 222 11.06 -4.69 1.54
N ALA A 223 10.97 -3.47 1.04
CA ALA A 223 10.05 -2.48 1.59
C ALA A 223 9.42 -1.68 0.44
N ASN A 224 8.25 -1.09 0.73
CA ASN A 224 7.54 -0.34 -0.31
C ASN A 224 6.72 0.78 0.31
N ASP A 225 6.16 1.62 -0.57
CA ASP A 225 5.23 2.64 -0.14
C ASP A 225 4.40 3.07 -1.35
N TYR A 226 3.11 3.31 -1.15
CA TYR A 226 2.37 3.95 -2.23
C TYR A 226 1.61 5.14 -1.65
N ALA A 227 1.35 6.17 -2.48
CA ALA A 227 0.72 7.40 -1.99
C ALA A 227 -0.17 8.05 -3.03
N VAL A 228 -1.22 8.73 -2.54
CA VAL A 228 -1.89 9.81 -3.24
C VAL A 228 -1.43 11.13 -2.63
N ILE A 229 -0.95 12.03 -3.50
CA ILE A 229 -0.45 13.33 -3.13
C ILE A 229 -1.36 14.38 -3.76
N TRP A 230 -1.78 15.35 -2.93
CA TRP A 230 -2.56 16.50 -3.36
C TRP A 230 -1.69 17.76 -3.24
N PRO A 231 -1.00 18.22 -4.31
CA PRO A 231 -0.25 19.48 -4.23
C PRO A 231 -1.21 20.65 -4.06
N LYS A 232 -0.66 21.80 -3.64
CA LYS A 232 -1.43 23.01 -3.38
C LYS A 232 -2.23 23.45 -4.63
N ASN A 233 -1.52 23.81 -5.70
CA ASN A 233 -2.18 24.34 -6.88
C ASN A 233 -1.98 23.35 -8.01
N ARG A 234 -2.69 22.22 -7.98
CA ARG A 234 -2.34 21.11 -8.85
C ARG A 234 -3.21 19.88 -8.61
N ALA A 235 -3.36 19.07 -9.67
CA ALA A 235 -4.06 17.80 -9.67
C ALA A 235 -3.29 16.74 -8.87
N PRO A 236 -4.00 15.79 -8.20
CA PRO A 236 -3.34 14.79 -7.37
C PRO A 236 -2.30 13.97 -8.15
N LEU A 237 -1.16 13.70 -7.50
CA LEU A 237 -0.18 12.74 -7.97
C LEU A 237 -0.47 11.38 -7.34
N ILE A 238 -0.13 10.28 -8.05
CA ILE A 238 -0.06 8.93 -7.49
C ILE A 238 1.43 8.54 -7.51
N VAL A 239 1.95 7.96 -6.42
CA VAL A 239 3.31 7.42 -6.43
C VAL A 239 3.31 5.98 -5.88
N SER A 240 4.20 5.14 -6.45
CA SER A 240 4.29 3.72 -6.19
C SER A 240 5.77 3.29 -6.19
N ILE A 241 6.35 3.02 -5.01
CA ILE A 241 7.76 2.66 -4.86
C ILE A 241 7.86 1.25 -4.24
N TYR A 242 8.50 0.30 -4.97
CA TYR A 242 8.72 -1.09 -4.52
C TYR A 242 10.20 -1.47 -4.58
N THR A 243 10.74 -2.09 -3.53
CA THR A 243 12.16 -2.45 -3.53
C THR A 243 12.38 -3.86 -2.94
N THR A 244 13.43 -4.53 -3.42
CA THR A 244 13.96 -5.75 -2.85
C THR A 244 15.49 -5.62 -2.77
N ARG A 245 16.13 -6.57 -2.09
CA ARG A 245 17.59 -6.63 -2.09
C ARG A 245 18.05 -8.07 -2.27
N LYS A 246 19.35 -8.23 -2.56
CA LYS A 246 19.94 -9.49 -3.01
C LYS A 246 19.93 -10.56 -1.90
N SER A 247 20.41 -10.21 -0.70
CA SER A 247 20.65 -11.21 0.34
C SER A 247 19.59 -11.16 1.44
N LYS A 248 19.22 -12.34 1.93
CA LYS A 248 18.13 -12.53 2.89
C LYS A 248 18.16 -11.55 4.06
N ASP A 249 19.37 -11.10 4.41
CA ASP A 249 19.64 -10.35 5.63
C ASP A 249 19.66 -8.86 5.35
N ASP A 250 19.66 -8.47 4.08
CA ASP A 250 19.74 -7.07 3.70
C ASP A 250 18.64 -6.32 4.46
N LYS A 251 18.99 -5.15 5.01
CA LYS A 251 18.02 -4.30 5.67
C LYS A 251 17.37 -3.39 4.63
N HIS A 252 16.15 -2.93 4.93
CA HIS A 252 15.39 -2.15 3.98
C HIS A 252 15.92 -0.71 4.07
N SER A 253 15.68 0.07 3.02
CA SER A 253 16.24 1.41 2.97
C SER A 253 15.11 2.45 2.77
N ASP A 254 14.76 3.13 3.87
CA ASP A 254 13.76 4.19 3.86
C ASP A 254 14.15 5.33 2.94
N LYS A 255 15.43 5.72 3.04
CA LYS A 255 15.98 6.85 2.32
C LYS A 255 15.97 6.58 0.82
N THR A 256 16.19 5.32 0.39
CA THR A 256 16.20 4.95 -1.03
C THR A 256 14.80 5.10 -1.65
N ILE A 257 13.78 4.67 -0.88
CA ILE A 257 12.39 4.90 -1.22
C ILE A 257 12.08 6.40 -1.34
N ALA A 258 12.54 7.23 -0.39
CA ALA A 258 12.27 8.66 -0.45
C ALA A 258 12.85 9.25 -1.72
N GLU A 259 14.15 9.01 -1.95
CA GLU A 259 14.89 9.42 -3.13
C GLU A 259 14.22 8.91 -4.41
N ALA A 260 13.79 7.65 -4.49
CA ALA A 260 13.07 7.16 -5.67
C ALA A 260 11.79 7.97 -5.88
N SER A 261 11.20 8.42 -4.77
CA SER A 261 10.01 9.24 -4.84
C SER A 261 10.34 10.64 -5.35
N ARG A 262 11.45 11.21 -4.86
CA ARG A 262 11.89 12.51 -5.36
C ARG A 262 11.95 12.42 -6.88
N ILE A 263 12.60 11.37 -7.38
CA ILE A 263 12.96 11.23 -8.78
C ILE A 263 11.69 11.07 -9.60
N ALA A 264 10.84 10.12 -9.22
CA ALA A 264 9.64 9.87 -9.99
C ALA A 264 8.81 11.15 -10.15
N ILE A 265 8.76 11.98 -9.09
CA ILE A 265 7.84 13.10 -9.02
C ILE A 265 8.27 14.19 -10.00
N GLN A 266 9.58 14.43 -10.04
CA GLN A 266 10.26 15.29 -11.01
C GLN A 266 10.01 14.82 -12.43
N ALA A 267 9.89 13.50 -12.64
CA ALA A 267 9.71 12.94 -13.97
C ALA A 267 8.28 13.15 -14.52
N ILE A 268 7.27 13.29 -13.66
CA ILE A 268 5.91 13.47 -14.15
C ILE A 268 5.48 14.94 -14.01
N ASP A 269 6.38 15.78 -13.53
CA ASP A 269 6.13 17.20 -13.30
C ASP A 269 6.23 17.94 -14.65
#